data_1HQL
#
_entry.id   1HQL
#
_cell.length_a   111.210
_cell.length_b   51.280
_cell.length_c   77.110
_cell.angle_alpha   90.00
_cell.angle_beta   90.00
_cell.angle_gamma   90.00
#
_symmetry.space_group_name_H-M   'P 21 21 2'
#
loop_
_entity.id
_entity.type
_entity.pdbx_description
1 polymer LECTIN
2 branched 'alpha-D-galactopyranose-(1-3)-methyl beta-D-galactopyranoside'
3 branched 2-acetamido-2-deoxy-beta-D-glucopyranose-(1-4)-2-acetamido-2-deoxy-beta-D-glucopyranose
4 non-polymer 'MANGANESE (II) ION'
5 non-polymer 'CALCIUM ION'
6 water water
#
_entity_poly.entity_id   1
_entity_poly.type   'polypeptide(L)'
_entity_poly.pdbx_seq_one_letter_code
;(PCA)SDSVSFTFPNFWSDVEDSIIFQGDANTTAGTLQLCKTNQYGTPLQWSAGRALYSDPVQLWDNKTESVASFYTEFT
FFLKITGNGPADGLAFFLAPPDSDVKDAGEYLGLFNKSTATQPSKNQVVAVEFDTWTNPNFPEPSYRHIGINVNSIVSVA
TKRWEDSDIFSGKIATARISYDGSAEILTVVLSYPDGSDYILSHSVDMRQNLPESVRVGISASTGNNQFLTVYILSWRFS
SNLQSTSVKAAMEPEITRTVV
;
_entity_poly.pdbx_strand_id   A,B
#
# COMPACT_ATOMS: atom_id res chain seq x y z
N SER A 4 -2.17 -26.11 15.84
CA SER A 4 -1.50 -26.05 14.51
C SER A 4 -2.23 -25.08 13.57
N VAL A 5 -2.05 -23.80 13.83
CA VAL A 5 -2.68 -22.74 13.05
C VAL A 5 -1.63 -21.91 12.31
N SER A 6 -1.94 -21.51 11.09
CA SER A 6 -1.01 -20.69 10.32
C SER A 6 -1.74 -19.92 9.23
N PHE A 7 -1.21 -18.75 8.89
CA PHE A 7 -1.82 -17.94 7.84
C PHE A 7 -0.75 -17.02 7.27
N THR A 8 -0.95 -16.60 6.02
CA THR A 8 0.00 -15.71 5.38
C THR A 8 -0.69 -14.60 4.60
N PHE A 9 -0.32 -13.36 4.90
CA PHE A 9 -0.86 -12.22 4.18
C PHE A 9 0.29 -11.47 3.55
N PRO A 10 0.57 -11.73 2.26
CA PRO A 10 1.66 -11.06 1.56
C PRO A 10 1.33 -9.58 1.45
N ASN A 11 0.05 -9.30 1.58
CA ASN A 11 -0.48 -7.94 1.54
C ASN A 11 -1.92 -8.04 1.96
N PHE A 12 -2.63 -6.92 1.97
CA PHE A 12 -4.02 -6.97 2.35
C PHE A 12 -4.95 -6.45 1.28
N TRP A 13 -4.57 -6.71 0.02
CA TRP A 13 -5.36 -6.29 -1.13
C TRP A 13 -6.64 -7.12 -1.28
N SER A 14 -6.60 -8.39 -0.89
CA SER A 14 -7.78 -9.24 -0.99
C SER A 14 -8.80 -8.89 0.09
N ASP A 15 -9.99 -9.49 0.00
CA ASP A 15 -11.03 -9.23 0.99
C ASP A 15 -10.80 -10.11 2.22
N VAL A 16 -9.88 -9.66 3.07
CA VAL A 16 -9.54 -10.38 4.29
C VAL A 16 -10.67 -10.30 5.32
N GLU A 17 -11.85 -9.89 4.88
CA GLU A 17 -13.00 -9.76 5.77
C GLU A 17 -13.30 -11.05 6.53
N ASP A 18 -13.36 -12.16 5.81
CA ASP A 18 -13.67 -13.44 6.42
C ASP A 18 -12.40 -14.16 6.90
N SER A 19 -11.54 -13.44 7.63
CA SER A 19 -10.29 -13.99 8.14
C SER A 19 -9.67 -13.10 9.22
N ILE A 20 -10.01 -11.81 9.16
CA ILE A 20 -9.49 -10.85 10.12
C ILE A 20 -10.61 -10.09 10.82
N ILE A 21 -10.54 -10.03 12.14
CA ILE A 21 -11.54 -9.29 12.92
C ILE A 21 -10.99 -7.89 13.16
N PHE A 22 -11.66 -6.89 12.62
CA PHE A 22 -11.23 -5.50 12.79
C PHE A 22 -11.93 -4.88 14.01
N GLN A 23 -11.11 -4.34 14.91
CA GLN A 23 -11.59 -3.71 16.14
C GLN A 23 -11.24 -2.23 16.15
N GLY A 24 -12.06 -1.42 16.81
CA GLY A 24 -11.80 0.01 16.86
C GLY A 24 -11.77 0.59 15.46
N ASP A 25 -10.77 1.43 15.19
CA ASP A 25 -10.61 2.06 13.88
C ASP A 25 -10.01 1.15 12.80
N ALA A 26 -9.44 0.02 13.18
CA ALA A 26 -8.78 -0.88 12.22
C ALA A 26 -9.56 -1.18 10.94
N ASN A 27 -8.82 -1.23 9.84
CA ASN A 27 -9.40 -1.54 8.55
C ASN A 27 -8.27 -1.67 7.53
N THR A 28 -8.59 -2.06 6.30
CA THR A 28 -7.55 -2.17 5.29
C THR A 28 -7.53 -0.90 4.47
N THR A 29 -6.33 -0.52 4.03
CA THR A 29 -6.14 0.68 3.23
C THR A 29 -5.09 0.44 2.16
N ALA A 30 -5.53 0.39 0.90
CA ALA A 30 -4.63 0.17 -0.23
C ALA A 30 -3.63 -0.95 -0.03
N GLY A 31 -4.12 -2.16 0.24
CA GLY A 31 -3.21 -3.28 0.41
C GLY A 31 -2.53 -3.38 1.75
N THR A 32 -2.84 -2.48 2.68
CA THR A 32 -2.21 -2.53 4.00
C THR A 32 -3.26 -2.50 5.11
N LEU A 33 -2.81 -2.68 6.34
CA LEU A 33 -3.71 -2.58 7.48
C LEU A 33 -3.42 -1.23 8.13
N GLN A 34 -4.46 -0.43 8.33
CA GLN A 34 -4.34 0.87 8.97
C GLN A 34 -5.16 0.74 10.26
N LEU A 35 -4.48 0.66 11.41
CA LEU A 35 -5.17 0.49 12.69
C LEU A 35 -5.99 1.68 13.14
N CYS A 36 -5.45 2.87 12.94
CA CYS A 36 -6.10 4.12 13.34
C CYS A 36 -6.53 4.97 12.15
N LYS A 37 -7.66 5.65 12.30
CA LYS A 37 -8.22 6.48 11.22
C LYS A 37 -7.52 7.82 11.00
N THR A 38 -7.62 8.29 9.75
CA THR A 38 -7.07 9.57 9.34
C THR A 38 -8.18 10.33 8.61
N ASN A 39 -8.14 11.65 8.60
CA ASN A 39 -9.17 12.43 7.92
C ASN A 39 -8.96 12.44 6.41
N GLN A 40 -9.80 13.18 5.70
CA GLN A 40 -9.69 13.25 4.24
C GLN A 40 -8.42 13.99 3.83
N TYR A 41 -7.74 14.61 4.79
CA TYR A 41 -6.51 15.33 4.49
C TYR A 41 -5.30 14.48 4.85
N GLY A 42 -5.54 13.21 5.16
CA GLY A 42 -4.45 12.32 5.52
C GLY A 42 -3.90 12.53 6.91
N THR A 43 -4.55 13.41 7.68
CA THR A 43 -4.11 13.70 9.05
C THR A 43 -4.70 12.69 10.03
N PRO A 44 -3.85 12.03 10.83
CA PRO A 44 -4.35 11.04 11.79
C PRO A 44 -5.17 11.68 12.91
N LEU A 45 -6.28 11.04 13.26
CA LEU A 45 -7.15 11.56 14.31
C LEU A 45 -6.50 11.32 15.67
N GLN A 46 -6.88 12.14 16.64
CA GLN A 46 -6.34 12.05 18.00
C GLN A 46 -7.08 10.97 18.80
N TRP A 47 -6.41 10.47 19.83
CA TRP A 47 -6.95 9.44 20.72
C TRP A 47 -7.76 8.36 20.03
N SER A 48 -7.11 7.68 19.09
CA SER A 48 -7.76 6.62 18.35
C SER A 48 -7.10 5.30 18.69
N ALA A 49 -7.77 4.19 18.39
CA ALA A 49 -7.17 2.89 18.61
C ALA A 49 -7.84 1.89 17.69
N GLY A 50 -7.08 0.86 17.32
CA GLY A 50 -7.58 -0.16 16.42
C GLY A 50 -6.74 -1.41 16.53
N ARG A 51 -7.35 -2.56 16.25
CA ARG A 51 -6.65 -3.83 16.32
C ARG A 51 -7.14 -4.72 15.19
N ALA A 52 -6.27 -5.62 14.73
CA ALA A 52 -6.59 -6.56 13.68
C ALA A 52 -6.23 -7.93 14.23
N LEU A 53 -7.25 -8.70 14.58
CA LEU A 53 -7.04 -10.03 15.12
C LEU A 53 -7.38 -11.09 14.10
N TYR A 54 -6.58 -12.15 14.06
CA TYR A 54 -6.86 -13.23 13.14
C TYR A 54 -8.04 -14.02 13.68
N SER A 55 -9.05 -14.25 12.82
CA SER A 55 -10.28 -14.97 13.16
C SER A 55 -10.11 -16.28 13.93
N ASP A 56 -9.35 -17.21 13.36
CA ASP A 56 -9.09 -18.50 13.97
C ASP A 56 -8.26 -18.38 15.24
N PRO A 57 -8.74 -19.00 16.33
CA PRO A 57 -8.06 -18.98 17.63
C PRO A 57 -6.87 -19.92 17.58
N VAL A 58 -5.92 -19.70 18.47
CA VAL A 58 -4.72 -20.51 18.55
C VAL A 58 -4.68 -21.23 19.89
N GLN A 59 -4.34 -22.51 19.87
CA GLN A 59 -4.24 -23.29 21.11
C GLN A 59 -2.87 -22.98 21.72
N LEU A 60 -2.85 -22.18 22.78
CA LEU A 60 -1.61 -21.79 23.45
C LEU A 60 -0.99 -22.91 24.26
N TRP A 61 -1.77 -23.50 25.14
CA TRP A 61 -1.28 -24.58 25.99
C TRP A 61 -2.37 -25.53 26.47
N ASP A 62 -1.97 -26.46 27.34
CA ASP A 62 -2.85 -27.46 27.92
C ASP A 62 -2.46 -27.69 29.37
N ASN A 63 -3.29 -28.41 30.12
CA ASN A 63 -3.01 -28.68 31.52
C ASN A 63 -2.41 -30.07 31.72
N LYS A 64 -3.26 -31.07 31.92
CA LYS A 64 -2.78 -32.43 32.12
C LYS A 64 -1.80 -32.89 31.04
N THR A 65 -1.89 -32.28 29.87
CA THR A 65 -1.01 -32.63 28.76
C THR A 65 0.39 -32.06 28.97
N GLU A 66 0.45 -30.85 29.54
CA GLU A 66 1.72 -30.19 29.81
C GLU A 66 2.54 -30.04 28.52
N SER A 67 2.27 -28.99 27.77
CA SER A 67 2.97 -28.74 26.52
C SER A 67 2.58 -27.39 25.91
N VAL A 68 3.34 -26.36 26.25
CA VAL A 68 3.09 -25.02 25.74
C VAL A 68 3.40 -24.99 24.25
N ALA A 69 2.49 -24.43 23.46
CA ALA A 69 2.71 -24.37 22.03
C ALA A 69 3.77 -23.35 21.62
N SER A 70 4.44 -23.62 20.50
CA SER A 70 5.44 -22.72 19.97
C SER A 70 4.83 -21.99 18.78
N PHE A 71 5.26 -20.75 18.54
CA PHE A 71 4.73 -20.02 17.39
C PHE A 71 5.74 -19.02 16.84
N TYR A 72 5.48 -18.56 15.62
CA TYR A 72 6.36 -17.60 14.96
C TYR A 72 5.49 -16.66 14.15
N THR A 73 5.82 -15.38 14.17
CA THR A 73 5.05 -14.43 13.38
C THR A 73 5.99 -13.41 12.76
N GLU A 74 5.66 -12.98 11.55
CA GLU A 74 6.46 -12.00 10.84
C GLU A 74 5.56 -10.97 10.16
N PHE A 75 5.93 -9.70 10.28
CA PHE A 75 5.15 -8.64 9.64
C PHE A 75 6.01 -7.43 9.37
N THR A 76 5.58 -6.64 8.39
CA THR A 76 6.27 -5.44 7.99
C THR A 76 5.35 -4.28 8.28
N PHE A 77 5.92 -3.14 8.62
CA PHE A 77 5.14 -1.96 8.92
C PHE A 77 5.96 -0.73 8.58
N PHE A 78 5.25 0.36 8.30
CA PHE A 78 5.84 1.63 7.95
C PHE A 78 5.31 2.69 8.91
N LEU A 79 6.20 3.55 9.39
CA LEU A 79 5.81 4.62 10.28
C LEU A 79 5.77 5.91 9.46
N LYS A 80 4.56 6.36 9.11
CA LYS A 80 4.40 7.59 8.36
C LYS A 80 4.42 8.71 9.40
N ILE A 81 5.55 9.41 9.48
CA ILE A 81 5.73 10.46 10.46
C ILE A 81 5.83 11.82 9.77
N THR A 82 5.09 12.79 10.28
CA THR A 82 5.10 14.12 9.71
C THR A 82 5.47 15.16 10.75
N GLY A 83 5.92 14.70 11.92
CA GLY A 83 6.29 15.62 12.99
C GLY A 83 7.36 15.06 13.89
N ASN A 84 7.69 15.80 14.95
CA ASN A 84 8.74 15.38 15.87
C ASN A 84 8.24 14.64 17.11
N GLY A 85 6.93 14.51 17.24
CA GLY A 85 6.38 13.81 18.38
C GLY A 85 5.43 12.68 18.01
N PRO A 86 5.89 11.67 17.25
CA PRO A 86 5.03 10.55 16.85
C PRO A 86 4.58 9.74 18.08
N ALA A 87 3.31 9.35 18.10
CA ALA A 87 2.75 8.59 19.20
C ALA A 87 1.51 7.88 18.68
N ASP A 88 1.16 6.73 19.25
CA ASP A 88 1.93 6.11 20.33
C ASP A 88 2.74 4.90 19.90
N GLY A 89 2.44 4.36 18.73
CA GLY A 89 3.17 3.19 18.25
C GLY A 89 2.24 2.04 17.89
N LEU A 90 2.75 0.82 18.02
CA LEU A 90 1.98 -0.36 17.68
C LEU A 90 2.46 -1.53 18.51
N ALA A 91 1.80 -2.67 18.35
CA ALA A 91 2.18 -3.86 19.10
C ALA A 91 1.54 -5.12 18.56
N PHE A 92 2.21 -6.24 18.78
CA PHE A 92 1.71 -7.55 18.39
C PHE A 92 1.30 -8.11 19.75
N PHE A 93 0.18 -8.84 19.80
CA PHE A 93 -0.29 -9.37 21.08
C PHE A 93 -1.10 -10.66 20.99
N LEU A 94 -1.32 -11.26 22.15
CA LEU A 94 -2.12 -12.46 22.26
C LEU A 94 -3.09 -12.18 23.40
N ALA A 95 -4.36 -12.52 23.19
CA ALA A 95 -5.36 -12.29 24.22
C ALA A 95 -6.54 -13.24 24.01
N PRO A 96 -7.43 -13.37 25.03
CA PRO A 96 -8.59 -14.25 24.91
C PRO A 96 -9.35 -13.90 23.64
N PRO A 97 -9.95 -14.90 22.96
CA PRO A 97 -10.69 -14.67 21.72
C PRO A 97 -11.75 -13.56 21.74
N ASP A 98 -12.32 -13.22 22.92
CA ASP A 98 -13.36 -12.26 23.02
C ASP A 98 -12.82 -10.91 23.46
N SER A 99 -11.51 -10.73 23.53
CA SER A 99 -10.90 -9.46 23.92
C SER A 99 -11.14 -8.40 22.85
N ASP A 100 -11.57 -7.22 23.27
CA ASP A 100 -11.83 -6.14 22.34
C ASP A 100 -10.86 -5.00 22.59
N VAL A 101 -10.84 -4.04 21.68
CA VAL A 101 -9.95 -2.89 21.81
C VAL A 101 -10.15 -2.16 23.13
N LYS A 102 -9.05 -1.74 23.75
CA LYS A 102 -9.11 -1.04 25.03
C LYS A 102 -8.83 0.45 24.84
N ASP A 103 -8.13 1.05 25.78
CA ASP A 103 -7.84 2.48 25.73
C ASP A 103 -6.75 2.91 24.75
N ALA A 104 -6.92 4.11 24.21
CA ALA A 104 -5.99 4.64 23.23
C ALA A 104 -4.79 5.26 23.94
N GLY A 105 -4.07 6.14 23.24
CA GLY A 105 -2.92 6.77 23.85
C GLY A 105 -1.83 5.78 24.21
N GLU A 106 -1.20 6.00 25.35
CA GLU A 106 -0.11 5.16 25.82
C GLU A 106 -0.47 3.70 26.06
N TYR A 107 -1.76 3.38 26.08
CA TYR A 107 -2.18 2.00 26.32
C TYR A 107 -2.19 1.12 25.07
N LEU A 108 -1.88 1.72 23.93
CA LEU A 108 -1.78 0.97 22.68
C LEU A 108 -2.99 0.11 22.34
N GLY A 109 -4.16 0.49 22.87
CA GLY A 109 -5.37 -0.27 22.62
C GLY A 109 -5.34 -1.63 23.31
N LEU A 110 -4.37 -1.84 24.19
CA LEU A 110 -4.22 -3.13 24.87
C LEU A 110 -4.72 -3.22 26.33
N PHE A 111 -4.70 -2.11 27.04
CA PHE A 111 -5.13 -2.08 28.43
C PHE A 111 -6.06 -0.90 28.71
N ASN A 112 -6.73 -0.95 29.87
CA ASN A 112 -7.59 0.14 30.27
C ASN A 112 -6.77 1.03 31.18
N LYS A 113 -7.14 2.31 31.26
CA LYS A 113 -6.44 3.27 32.09
C LYS A 113 -6.37 2.82 33.55
N SER A 114 -7.49 2.35 34.08
CA SER A 114 -7.56 1.93 35.47
C SER A 114 -6.78 0.66 35.87
N THR A 115 -6.47 -0.20 34.92
CA THR A 115 -5.79 -1.44 35.27
C THR A 115 -4.55 -1.78 34.46
N ALA A 116 -4.14 -0.84 33.61
CA ALA A 116 -2.97 -1.03 32.75
C ALA A 116 -1.73 -1.44 33.53
N THR A 117 -1.64 -1.01 34.78
CA THR A 117 -0.49 -1.36 35.59
C THR A 117 -0.77 -2.45 36.63
N GLN A 118 -1.81 -3.26 36.37
CA GLN A 118 -2.21 -4.35 37.27
C GLN A 118 -2.28 -5.67 36.51
N PRO A 119 -1.19 -6.44 36.51
CA PRO A 119 -1.07 -7.73 35.83
C PRO A 119 -2.19 -8.71 36.13
N SER A 120 -2.57 -8.81 37.40
CA SER A 120 -3.63 -9.72 37.83
C SER A 120 -5.00 -9.38 37.25
N LYS A 121 -5.13 -8.18 36.70
CA LYS A 121 -6.40 -7.75 36.14
C LYS A 121 -6.39 -7.77 34.61
N ASN A 122 -5.33 -8.32 34.01
CA ASN A 122 -5.24 -8.36 32.55
C ASN A 122 -4.97 -9.72 31.97
N GLN A 123 -5.29 -9.87 30.69
CA GLN A 123 -5.06 -11.12 29.98
C GLN A 123 -4.49 -10.78 28.62
N VAL A 124 -3.23 -10.36 28.60
CA VAL A 124 -2.58 -10.03 27.34
C VAL A 124 -1.06 -10.03 27.40
N VAL A 125 -0.45 -10.68 26.42
CA VAL A 125 1.00 -10.74 26.30
C VAL A 125 1.32 -10.05 24.98
N ALA A 126 2.29 -9.15 24.98
CA ALA A 126 2.59 -8.45 23.74
C ALA A 126 3.99 -7.90 23.60
N VAL A 127 4.34 -7.61 22.35
CA VAL A 127 5.60 -7.02 22.03
C VAL A 127 5.20 -5.65 21.52
N GLU A 128 5.71 -4.60 22.19
CA GLU A 128 5.38 -3.24 21.81
C GLU A 128 6.55 -2.51 21.16
N PHE A 129 6.19 -1.55 20.31
CA PHE A 129 7.13 -0.71 19.60
C PHE A 129 6.61 0.68 19.98
N ASP A 130 7.13 1.16 21.11
CA ASP A 130 6.74 2.42 21.72
C ASP A 130 7.52 3.61 21.21
N THR A 131 6.83 4.50 20.48
CA THR A 131 7.50 5.68 19.94
C THR A 131 7.35 6.90 20.83
N TRP A 132 6.84 6.71 22.06
CA TRP A 132 6.65 7.83 22.97
C TRP A 132 6.83 7.45 24.44
N THR A 133 7.78 8.09 25.11
CA THR A 133 8.04 7.83 26.52
C THR A 133 6.99 8.51 27.38
N ASN A 134 6.29 7.71 28.18
CA ASN A 134 5.25 8.23 29.05
C ASN A 134 5.72 8.39 30.48
N PRO A 135 5.34 9.49 31.13
CA PRO A 135 5.73 9.75 32.52
C PRO A 135 4.69 9.20 33.51
N ASN A 136 3.52 8.82 33.00
CA ASN A 136 2.43 8.29 33.82
C ASN A 136 2.85 7.04 34.60
N PHE A 137 3.67 6.21 33.95
CA PHE A 137 4.16 4.97 34.56
C PHE A 137 5.61 4.77 34.17
N PRO A 138 6.32 3.89 34.89
CA PRO A 138 7.73 3.67 34.56
C PRO A 138 8.02 3.03 33.21
N GLU A 139 8.91 3.66 32.46
CA GLU A 139 9.33 3.13 31.18
C GLU A 139 10.51 3.94 30.66
N PRO A 140 11.31 3.35 29.77
CA PRO A 140 12.47 4.05 29.22
C PRO A 140 12.18 5.48 28.82
N SER A 141 13.16 6.35 29.02
CA SER A 141 13.02 7.76 28.67
C SER A 141 13.31 7.97 27.19
N TYR A 142 13.47 6.87 26.44
CA TYR A 142 13.73 6.93 25.00
C TYR A 142 12.81 5.98 24.26
N ARG A 143 12.59 6.22 22.97
CA ARG A 143 11.73 5.35 22.17
C ARG A 143 12.25 3.94 22.43
N HIS A 144 11.39 2.94 22.37
CA HIS A 144 11.83 1.60 22.66
C HIS A 144 10.91 0.48 22.19
N ILE A 145 11.45 -0.73 22.27
CA ILE A 145 10.75 -1.96 21.90
C ILE A 145 10.63 -2.72 23.22
N GLY A 146 9.51 -3.39 23.44
CA GLY A 146 9.37 -4.10 24.71
C GLY A 146 8.48 -5.31 24.74
N ILE A 147 8.67 -6.13 25.78
CA ILE A 147 7.89 -7.33 25.99
C ILE A 147 6.99 -7.06 27.19
N ASN A 148 5.67 -7.03 26.95
CA ASN A 148 4.69 -6.76 27.98
C ASN A 148 3.92 -8.00 28.39
N VAL A 149 3.91 -8.25 29.68
CA VAL A 149 3.21 -9.38 30.23
C VAL A 149 2.11 -8.87 31.16
N ASN A 150 0.89 -8.76 30.63
CA ASN A 150 -0.25 -8.30 31.39
C ASN A 150 -0.10 -6.93 32.01
N SER A 151 0.78 -6.11 31.43
CA SER A 151 1.01 -4.76 31.92
C SER A 151 1.61 -3.83 30.86
N ILE A 152 1.30 -2.54 30.98
CA ILE A 152 1.82 -1.54 30.03
C ILE A 152 3.27 -1.23 30.40
N VAL A 153 3.70 -1.74 31.55
CA VAL A 153 5.08 -1.55 31.99
C VAL A 153 5.82 -2.79 31.52
N SER A 154 6.72 -2.62 30.56
CA SER A 154 7.49 -3.73 30.00
C SER A 154 8.38 -4.44 31.02
N VAL A 155 8.46 -5.76 30.95
CA VAL A 155 9.31 -6.52 31.86
C VAL A 155 10.74 -6.45 31.33
N ALA A 156 10.87 -6.14 30.04
CA ALA A 156 12.16 -6.01 29.39
C ALA A 156 12.02 -5.07 28.20
N THR A 157 13.06 -4.30 27.92
CA THR A 157 13.01 -3.36 26.81
C THR A 157 14.34 -3.24 26.12
N LYS A 158 14.31 -2.64 24.94
CA LYS A 158 15.48 -2.39 24.12
C LYS A 158 15.28 -1.01 23.50
N ARG A 159 16.33 -0.21 23.53
CA ARG A 159 16.28 1.12 22.96
C ARG A 159 16.03 1.01 21.46
N TRP A 160 15.19 1.89 20.95
CA TRP A 160 14.83 1.94 19.54
C TRP A 160 15.33 3.28 19.01
N GLU A 161 16.43 3.26 18.28
CA GLU A 161 17.05 4.46 17.72
C GLU A 161 16.11 5.29 16.86
N ASP A 162 16.14 6.61 17.07
CA ASP A 162 15.31 7.52 16.29
C ASP A 162 15.66 7.53 14.82
N SER A 163 16.93 7.28 14.49
CA SER A 163 17.38 7.26 13.10
C SER A 163 16.62 6.22 12.32
N ASP A 164 16.21 5.15 12.99
CA ASP A 164 15.45 4.07 12.37
C ASP A 164 13.94 4.40 12.40
N ILE A 165 13.47 4.96 13.50
CA ILE A 165 12.06 5.31 13.65
C ILE A 165 11.61 6.35 12.62
N PHE A 166 12.40 7.40 12.46
CA PHE A 166 12.10 8.45 11.50
C PHE A 166 12.78 8.17 10.17
N SER A 167 13.28 6.95 9.98
CA SER A 167 13.99 6.56 8.76
C SER A 167 13.15 6.62 7.50
N GLY A 168 11.84 6.50 7.68
CA GLY A 168 10.96 6.51 6.53
C GLY A 168 11.16 5.25 5.71
N LYS A 169 11.56 4.16 6.35
CA LYS A 169 11.76 2.91 5.63
C LYS A 169 10.85 1.83 6.19
N ILE A 170 10.64 0.77 5.41
CA ILE A 170 9.80 -0.33 5.85
C ILE A 170 10.56 -1.22 6.82
N ALA A 171 9.98 -1.43 7.99
CA ALA A 171 10.58 -2.27 9.04
C ALA A 171 9.99 -3.67 9.01
N THR A 172 10.78 -4.64 9.44
CA THR A 172 10.35 -6.02 9.47
C THR A 172 10.43 -6.53 10.91
N ALA A 173 9.31 -6.96 11.46
CA ALA A 173 9.27 -7.46 12.81
C ALA A 173 9.15 -8.97 12.81
N ARG A 174 9.93 -9.64 13.65
CA ARG A 174 9.87 -11.09 13.76
C ARG A 174 9.75 -11.46 15.24
N ILE A 175 8.72 -12.23 15.57
CA ILE A 175 8.49 -12.63 16.95
C ILE A 175 8.36 -14.14 17.01
N SER A 176 9.13 -14.76 17.90
CA SER A 176 9.10 -16.22 18.06
C SER A 176 8.96 -16.62 19.52
N TYR A 177 8.33 -17.76 19.75
CA TYR A 177 8.15 -18.24 21.10
C TYR A 177 8.31 -19.75 21.15
N ASP A 178 9.25 -20.20 21.97
CA ASP A 178 9.49 -21.62 22.13
C ASP A 178 8.69 -22.09 23.34
N GLY A 179 7.66 -22.89 23.09
CA GLY A 179 6.80 -23.39 24.14
C GLY A 179 7.49 -24.28 25.15
N SER A 180 8.59 -24.91 24.75
CA SER A 180 9.34 -25.78 25.66
C SER A 180 10.26 -24.98 26.56
N ALA A 181 11.01 -24.06 25.97
CA ALA A 181 11.95 -23.24 26.72
C ALA A 181 11.22 -22.08 27.41
N GLU A 182 10.01 -21.79 26.94
CA GLU A 182 9.21 -20.70 27.50
C GLU A 182 9.96 -19.39 27.30
N ILE A 183 10.40 -19.17 26.07
CA ILE A 183 11.16 -17.97 25.72
C ILE A 183 10.55 -17.20 24.54
N LEU A 184 10.34 -15.91 24.74
CA LEU A 184 9.77 -15.05 23.69
C LEU A 184 10.92 -14.22 23.13
N THR A 185 11.05 -14.20 21.80
CA THR A 185 12.11 -13.43 21.16
C THR A 185 11.54 -12.50 20.09
N VAL A 186 12.04 -11.28 20.05
CA VAL A 186 11.61 -10.30 19.05
C VAL A 186 12.82 -9.75 18.32
N VAL A 187 12.72 -9.67 17.00
CA VAL A 187 13.79 -9.12 16.19
C VAL A 187 13.20 -8.10 15.23
N LEU A 188 13.68 -6.85 15.33
CA LEU A 188 13.21 -5.75 14.48
C LEU A 188 14.33 -5.44 13.49
N SER A 189 14.05 -5.52 12.19
CA SER A 189 15.09 -5.26 11.20
C SER A 189 14.76 -4.17 10.19
N TYR A 190 15.75 -3.34 9.87
CA TYR A 190 15.60 -2.27 8.88
C TYR A 190 16.49 -2.55 7.68
N PRO A 191 16.02 -2.24 6.46
CA PRO A 191 16.77 -2.46 5.22
C PRO A 191 18.16 -1.83 5.22
N ASP A 192 18.36 -0.82 6.04
CA ASP A 192 19.67 -0.17 6.14
C ASP A 192 20.72 -1.18 6.60
N GLY A 193 20.75 -1.47 7.90
CA GLY A 193 21.71 -2.43 8.40
C GLY A 193 21.69 -2.47 9.92
N SER A 194 20.48 -2.40 10.46
CA SER A 194 20.28 -2.42 11.90
C SER A 194 19.25 -3.47 12.32
N ASP A 195 19.63 -4.31 13.28
CA ASP A 195 18.74 -5.35 13.79
C ASP A 195 18.68 -5.23 15.31
N TYR A 196 17.45 -5.23 15.84
CA TYR A 196 17.25 -5.14 17.28
C TYR A 196 16.85 -6.52 17.78
N ILE A 197 17.52 -7.00 18.83
CA ILE A 197 17.19 -8.30 19.37
C ILE A 197 16.81 -8.19 20.85
N LEU A 198 15.68 -8.79 21.22
CA LEU A 198 15.21 -8.78 22.60
C LEU A 198 14.54 -10.10 22.95
N SER A 199 15.07 -10.79 23.97
CA SER A 199 14.50 -12.07 24.40
C SER A 199 14.24 -12.02 25.90
N HIS A 200 13.24 -12.78 26.33
CA HIS A 200 12.89 -12.82 27.75
C HIS A 200 12.06 -14.07 28.01
N SER A 201 12.25 -14.65 29.19
CA SER A 201 11.50 -15.84 29.56
C SER A 201 10.07 -15.44 29.90
N VAL A 202 9.11 -16.22 29.43
CA VAL A 202 7.72 -15.94 29.71
C VAL A 202 6.90 -17.21 29.55
N ASP A 203 6.07 -17.52 30.57
CA ASP A 203 5.23 -18.70 30.54
C ASP A 203 3.79 -18.29 30.26
N MET A 204 3.34 -18.57 29.05
CA MET A 204 1.99 -18.22 28.63
C MET A 204 0.93 -18.86 29.51
N ARG A 205 1.23 -20.05 30.03
CA ARG A 205 0.28 -20.79 30.88
C ARG A 205 -0.21 -20.02 32.09
N GLN A 206 0.65 -19.17 32.64
CA GLN A 206 0.26 -18.39 33.82
C GLN A 206 -0.10 -16.94 33.51
N ASN A 207 -0.29 -16.63 32.23
CA ASN A 207 -0.65 -15.26 31.83
C ASN A 207 -1.78 -15.21 30.81
N LEU A 208 -2.12 -16.36 30.25
CA LEU A 208 -3.18 -16.41 29.24
C LEU A 208 -3.93 -17.73 29.26
N PRO A 209 -5.19 -17.73 28.79
CA PRO A 209 -6.01 -18.95 28.75
C PRO A 209 -5.46 -19.91 27.71
N GLU A 210 -5.98 -21.14 27.71
CA GLU A 210 -5.54 -22.17 26.77
C GLU A 210 -5.74 -21.76 25.32
N SER A 211 -6.80 -21.00 25.05
CA SER A 211 -7.08 -20.59 23.69
C SER A 211 -7.05 -19.07 23.60
N VAL A 212 -6.37 -18.56 22.58
CA VAL A 212 -6.24 -17.12 22.43
C VAL A 212 -6.28 -16.71 20.95
N ARG A 213 -6.31 -15.40 20.73
CA ARG A 213 -6.26 -14.87 19.37
C ARG A 213 -5.04 -13.98 19.30
N VAL A 214 -4.42 -13.92 18.13
CA VAL A 214 -3.24 -13.09 17.94
C VAL A 214 -3.63 -11.91 17.05
N GLY A 215 -2.95 -10.80 17.23
CA GLY A 215 -3.26 -9.63 16.43
C GLY A 215 -2.24 -8.52 16.58
N ILE A 216 -2.54 -7.40 15.93
CA ILE A 216 -1.66 -6.26 15.96
C ILE A 216 -2.53 -5.06 16.31
N SER A 217 -2.02 -4.18 17.15
CA SER A 217 -2.82 -3.00 17.50
C SER A 217 -1.97 -1.72 17.45
N ALA A 218 -2.64 -0.60 17.47
CA ALA A 218 -1.98 0.69 17.43
C ALA A 218 -2.92 1.73 18.03
N SER A 219 -2.37 2.89 18.39
CA SER A 219 -3.18 3.93 18.97
C SER A 219 -2.48 5.29 18.88
N THR A 220 -3.23 6.35 19.18
CA THR A 220 -2.70 7.70 19.13
C THR A 220 -3.20 8.46 20.36
N GLY A 221 -2.55 9.60 20.63
CA GLY A 221 -2.94 10.45 21.75
C GLY A 221 -3.27 11.83 21.23
N ASN A 222 -2.66 12.86 21.82
CA ASN A 222 -2.90 14.25 21.41
C ASN A 222 -2.24 14.61 20.09
N ASN A 223 -0.97 14.23 19.93
CA ASN A 223 -0.23 14.52 18.71
C ASN A 223 -0.89 13.87 17.52
N GLN A 224 -0.57 14.37 16.34
CA GLN A 224 -1.13 13.86 15.10
C GLN A 224 0.00 13.76 14.06
N PHE A 225 1.14 13.27 14.50
CA PHE A 225 2.33 13.14 13.65
C PHE A 225 2.63 11.72 13.21
N LEU A 226 1.81 10.75 13.63
CA LEU A 226 2.05 9.37 13.29
C LEU A 226 0.86 8.56 12.81
N THR A 227 1.10 7.71 11.81
CA THR A 227 0.09 6.83 11.26
C THR A 227 0.81 5.51 10.98
N VAL A 228 0.36 4.42 11.62
CA VAL A 228 1.00 3.12 11.43
C VAL A 228 0.36 2.30 10.32
N TYR A 229 1.17 1.66 9.49
CA TYR A 229 0.65 0.82 8.42
C TYR A 229 1.34 -0.54 8.46
N ILE A 230 0.57 -1.61 8.30
CA ILE A 230 1.13 -2.96 8.28
C ILE A 230 0.98 -3.44 6.84
N LEU A 231 2.11 -3.70 6.16
CA LEU A 231 2.10 -4.11 4.76
C LEU A 231 1.90 -5.60 4.51
N SER A 232 2.40 -6.44 5.43
CA SER A 232 2.25 -7.88 5.27
C SER A 232 2.26 -8.52 6.65
N TRP A 233 1.78 -9.74 6.74
CA TRP A 233 1.74 -10.42 8.03
C TRP A 233 1.49 -11.92 7.86
N ARG A 234 2.32 -12.72 8.54
CA ARG A 234 2.18 -14.17 8.51
C ARG A 234 2.41 -14.74 9.91
N PHE A 235 1.88 -15.92 10.16
CA PHE A 235 1.97 -16.53 11.48
C PHE A 235 1.79 -18.03 11.39
N SER A 236 2.49 -18.76 12.24
CA SER A 236 2.37 -20.22 12.29
C SER A 236 2.57 -20.63 13.73
N SER A 237 1.85 -21.68 14.14
CA SER A 237 1.90 -22.18 15.50
C SER A 237 1.87 -23.70 15.51
N ASN A 238 2.39 -24.30 16.57
CA ASN A 238 2.41 -25.75 16.71
C ASN A 238 2.36 -26.15 18.17
N LEU A 239 1.39 -26.99 18.52
CA LEU A 239 1.21 -27.47 19.89
C LEU A 239 2.29 -28.49 20.21
N SER B 4 19.45 11.61 -21.34
CA SER B 4 19.28 10.40 -20.55
C SER B 4 18.55 10.65 -19.23
N VAL B 5 17.44 9.95 -19.03
CA VAL B 5 16.63 10.12 -17.81
C VAL B 5 16.21 8.78 -17.24
N SER B 6 16.18 8.66 -15.92
CA SER B 6 15.76 7.41 -15.29
C SER B 6 15.38 7.61 -13.84
N PHE B 7 14.44 6.80 -13.38
CA PHE B 7 14.01 6.87 -12.00
C PHE B 7 13.40 5.55 -11.59
N THR B 8 13.39 5.28 -10.29
CA THR B 8 12.83 4.04 -9.79
C THR B 8 12.06 4.28 -8.49
N PHE B 9 10.82 3.82 -8.47
CA PHE B 9 9.96 3.94 -7.30
C PHE B 9 9.53 2.54 -6.93
N PRO B 10 10.25 1.90 -5.99
CA PRO B 10 9.90 0.55 -5.56
C PRO B 10 8.54 0.60 -4.89
N ASN B 11 8.19 1.79 -4.43
CA ASN B 11 6.92 2.07 -3.76
C ASN B 11 6.82 3.57 -3.61
N PHE B 12 5.72 4.06 -3.06
CA PHE B 12 5.57 5.48 -2.89
C PHE B 12 5.48 5.93 -1.44
N TRP B 13 6.13 5.17 -0.56
CA TRP B 13 6.14 5.48 0.87
C TRP B 13 6.91 6.76 1.19
N SER B 14 7.99 7.02 0.44
CA SER B 14 8.77 8.24 0.70
C SER B 14 8.01 9.48 0.24
N ASP B 15 8.56 10.65 0.53
CA ASP B 15 7.93 11.90 0.13
C ASP B 15 8.31 12.21 -1.32
N VAL B 16 7.59 11.60 -2.26
CA VAL B 16 7.84 11.79 -3.68
C VAL B 16 7.34 13.15 -4.16
N GLU B 17 7.14 14.07 -3.22
CA GLU B 17 6.65 15.41 -3.53
C GLU B 17 7.59 16.15 -4.48
N ASP B 18 8.88 16.09 -4.20
CA ASP B 18 9.85 16.78 -5.03
C ASP B 18 10.39 15.92 -6.17
N SER B 19 9.52 15.12 -6.78
CA SER B 19 9.87 14.23 -7.88
C SER B 19 8.67 13.88 -8.76
N ILE B 20 7.47 14.02 -8.21
CA ILE B 20 6.26 13.71 -8.96
C ILE B 20 5.28 14.86 -8.96
N ILE B 21 4.76 15.21 -10.13
CA ILE B 21 3.78 16.27 -10.23
C ILE B 21 2.41 15.62 -10.19
N PHE B 22 1.62 15.99 -9.18
CA PHE B 22 0.29 15.42 -9.04
C PHE B 22 -0.77 16.31 -9.70
N GLN B 23 -1.57 15.72 -10.57
CA GLN B 23 -2.62 16.46 -11.26
C GLN B 23 -3.99 15.87 -10.93
N GLY B 24 -5.01 16.70 -10.98
CA GLY B 24 -6.35 16.24 -10.65
C GLY B 24 -6.38 15.67 -9.24
N ASP B 25 -7.03 14.52 -9.06
CA ASP B 25 -7.15 13.88 -7.74
C ASP B 25 -5.92 13.14 -7.24
N ALA B 26 -4.98 12.91 -8.14
CA ALA B 26 -3.77 12.15 -7.84
C ALA B 26 -3.08 12.49 -6.53
N ASN B 27 -2.56 11.45 -5.87
CA ASN B 27 -1.85 11.62 -4.62
C ASN B 27 -1.35 10.24 -4.18
N THR B 28 -0.54 10.19 -3.12
CA THR B 28 -0.05 8.91 -2.65
C THR B 28 -0.97 8.41 -1.53
N THR B 29 -1.14 7.11 -1.44
CA THR B 29 -1.96 6.50 -0.41
C THR B 29 -1.34 5.20 0.06
N ALA B 30 -0.83 5.21 1.29
CA ALA B 30 -0.22 4.04 1.89
C ALA B 30 0.84 3.36 1.00
N GLY B 31 1.79 4.14 0.51
CA GLY B 31 2.84 3.57 -0.33
C GLY B 31 2.46 3.36 -1.77
N THR B 32 1.29 3.82 -2.16
CA THR B 32 0.90 3.63 -3.54
C THR B 32 0.44 4.95 -4.10
N LEU B 33 0.24 4.99 -5.41
CA LEU B 33 -0.28 6.18 -6.04
C LEU B 33 -1.76 5.88 -6.26
N GLN B 34 -2.63 6.77 -5.80
CA GLN B 34 -4.07 6.63 -6.00
C GLN B 34 -4.42 7.85 -6.86
N LEU B 35 -4.82 7.61 -8.09
CA LEU B 35 -5.13 8.69 -9.03
C LEU B 35 -6.44 9.41 -8.79
N CYS B 36 -7.45 8.63 -8.40
CA CYS B 36 -8.78 9.16 -8.16
C CYS B 36 -9.19 9.02 -6.69
N LYS B 37 -9.92 10.02 -6.21
CA LYS B 37 -10.36 10.07 -4.82
C LYS B 37 -11.51 9.16 -4.46
N THR B 38 -11.50 8.74 -3.19
CA THR B 38 -12.54 7.90 -2.65
C THR B 38 -13.00 8.60 -1.38
N ASN B 39 -14.18 8.24 -0.87
CA ASN B 39 -14.68 8.86 0.35
C ASN B 39 -14.11 8.17 1.58
N GLN B 40 -14.55 8.59 2.75
CA GLN B 40 -14.07 8.01 4.00
C GLN B 40 -14.51 6.57 4.15
N TYR B 41 -15.45 6.14 3.30
CA TYR B 41 -15.94 4.77 3.33
C TYR B 41 -15.23 3.90 2.30
N GLY B 42 -14.21 4.47 1.64
CA GLY B 42 -13.46 3.74 0.63
C GLY B 42 -14.14 3.67 -0.73
N THR B 43 -15.28 4.34 -0.87
CA THR B 43 -16.02 4.33 -2.13
C THR B 43 -15.48 5.39 -3.07
N PRO B 44 -15.09 4.99 -4.28
CA PRO B 44 -14.55 5.95 -5.26
C PRO B 44 -15.61 6.94 -5.71
N LEU B 45 -15.21 8.21 -5.83
CA LEU B 45 -16.12 9.26 -6.28
C LEU B 45 -16.35 9.15 -7.78
N GLN B 46 -17.48 9.68 -8.22
CA GLN B 46 -17.85 9.66 -9.63
C GLN B 46 -17.14 10.77 -10.38
N TRP B 47 -17.02 10.58 -11.70
CA TRP B 47 -16.42 11.56 -12.60
C TRP B 47 -15.18 12.25 -12.04
N SER B 48 -14.18 11.45 -11.71
CA SER B 48 -12.94 12.01 -11.20
C SER B 48 -11.82 11.65 -12.15
N ALA B 49 -10.71 12.39 -12.08
CA ALA B 49 -9.54 12.10 -12.89
C ALA B 49 -8.30 12.57 -12.14
N GLY B 50 -7.18 11.92 -12.42
CA GLY B 50 -5.94 12.25 -11.78
C GLY B 50 -4.75 11.73 -12.57
N ARG B 51 -3.62 12.41 -12.47
CA ARG B 51 -2.42 11.97 -13.18
C ARG B 51 -1.21 12.22 -12.31
N ALA B 52 -0.20 11.37 -12.47
CA ALA B 52 1.04 11.50 -11.74
C ALA B 52 2.12 11.54 -12.82
N LEU B 53 2.71 12.71 -12.99
CA LEU B 53 3.77 12.91 -13.97
C LEU B 53 5.11 13.07 -13.30
N TYR B 54 6.15 12.52 -13.90
CA TYR B 54 7.49 12.64 -13.35
C TYR B 54 7.94 14.09 -13.62
N SER B 55 8.56 14.72 -12.62
CA SER B 55 9.03 16.10 -12.70
C SER B 55 10.00 16.36 -13.85
N ASP B 56 11.10 15.62 -13.87
CA ASP B 56 12.11 15.81 -14.91
C ASP B 56 11.57 15.49 -16.28
N PRO B 57 11.90 16.34 -17.26
CA PRO B 57 11.44 16.14 -18.63
C PRO B 57 12.29 15.11 -19.38
N VAL B 58 11.72 14.56 -20.44
CA VAL B 58 12.40 13.55 -21.24
C VAL B 58 12.61 14.07 -22.65
N GLN B 59 13.83 13.93 -23.13
CA GLN B 59 14.16 14.38 -24.49
C GLN B 59 13.72 13.26 -25.42
N LEU B 60 12.56 13.45 -26.05
CA LEU B 60 12.00 12.45 -26.95
C LEU B 60 12.79 12.32 -28.24
N TRP B 61 13.16 13.45 -28.85
CA TRP B 61 13.91 13.41 -30.08
C TRP B 61 14.70 14.69 -30.36
N ASP B 62 15.42 14.69 -31.47
CA ASP B 62 16.22 15.83 -31.90
C ASP B 62 15.82 16.20 -33.32
N ASN B 63 15.71 17.50 -33.58
CA ASN B 63 15.32 17.97 -34.91
C ASN B 63 16.51 18.04 -35.84
N LYS B 64 17.58 18.69 -35.40
CA LYS B 64 18.79 18.85 -36.19
C LYS B 64 19.54 17.53 -36.32
N THR B 65 18.96 16.46 -35.78
CA THR B 65 19.60 15.15 -35.83
C THR B 65 18.61 14.10 -36.30
N GLU B 66 17.31 14.40 -36.15
CA GLU B 66 16.27 13.47 -36.57
C GLU B 66 16.33 12.18 -35.75
N SER B 67 17.29 12.12 -34.83
CA SER B 67 17.47 10.95 -33.97
C SER B 67 16.39 10.90 -32.90
N VAL B 68 15.77 9.72 -32.75
CA VAL B 68 14.71 9.53 -31.78
C VAL B 68 15.21 8.73 -30.58
N ALA B 69 14.69 9.04 -29.40
CA ALA B 69 15.11 8.34 -28.19
C ALA B 69 14.32 7.08 -27.90
N SER B 70 14.94 6.20 -27.13
CA SER B 70 14.31 4.95 -26.73
C SER B 70 14.03 5.05 -25.24
N PHE B 71 12.99 4.35 -24.80
CA PHE B 71 12.67 4.37 -23.39
C PHE B 71 11.99 3.09 -22.98
N TYR B 72 11.93 2.88 -21.68
CA TYR B 72 11.29 1.71 -21.09
C TYR B 72 10.66 2.12 -19.76
N THR B 73 9.51 1.54 -19.45
CA THR B 73 8.87 1.84 -18.17
C THR B 73 8.23 0.57 -17.67
N GLU B 74 8.16 0.45 -16.35
CA GLU B 74 7.57 -0.74 -15.77
C GLU B 74 6.84 -0.27 -14.55
N PHE B 75 5.63 -0.78 -14.34
CA PHE B 75 4.88 -0.40 -13.16
C PHE B 75 3.87 -1.47 -12.83
N THR B 76 3.54 -1.56 -11.55
CA THR B 76 2.57 -2.54 -11.10
C THR B 76 1.32 -1.80 -10.65
N PHE B 77 0.16 -2.40 -10.85
CA PHE B 77 -1.08 -1.78 -10.43
C PHE B 77 -2.07 -2.83 -9.97
N PHE B 78 -3.01 -2.40 -9.13
CA PHE B 78 -4.06 -3.27 -8.61
C PHE B 78 -5.41 -2.64 -8.92
N LEU B 79 -6.34 -3.45 -9.41
CA LEU B 79 -7.67 -2.94 -9.72
C LEU B 79 -8.59 -3.37 -8.58
N LYS B 80 -8.89 -2.43 -7.69
CA LYS B 80 -9.80 -2.70 -6.58
C LYS B 80 -11.22 -2.59 -7.16
N ILE B 81 -11.84 -3.73 -7.44
CA ILE B 81 -13.17 -3.78 -8.02
C ILE B 81 -14.18 -4.31 -7.00
N THR B 82 -15.30 -3.59 -6.87
CA THR B 82 -16.32 -3.98 -5.91
C THR B 82 -17.66 -4.13 -6.60
N GLY B 83 -17.63 -4.23 -7.93
CA GLY B 83 -18.86 -4.36 -8.68
C GLY B 83 -18.63 -5.00 -10.03
N ASN B 84 -19.70 -5.09 -10.82
CA ASN B 84 -19.59 -5.72 -12.13
C ASN B 84 -19.36 -4.74 -13.27
N GLY B 85 -19.26 -3.45 -12.96
CA GLY B 85 -19.04 -2.46 -14.00
C GLY B 85 -17.91 -1.49 -13.76
N PRO B 86 -16.69 -1.98 -13.49
CA PRO B 86 -15.52 -1.12 -13.24
C PRO B 86 -15.19 -0.19 -14.42
N ALA B 87 -14.94 1.09 -14.13
CA ALA B 87 -14.63 2.07 -15.16
C ALA B 87 -13.86 3.21 -14.51
N ASP B 88 -13.01 3.89 -15.26
CA ASP B 88 -12.78 3.57 -16.68
C ASP B 88 -11.46 2.89 -17.01
N GLY B 89 -10.56 2.83 -16.03
CA GLY B 89 -9.27 2.21 -16.22
C GLY B 89 -8.14 3.16 -15.93
N LEU B 90 -7.01 2.92 -16.58
CA LEU B 90 -5.82 3.74 -16.40
C LEU B 90 -4.99 3.75 -17.67
N ALA B 91 -3.91 4.53 -17.68
CA ALA B 91 -3.04 4.61 -18.84
C ALA B 91 -1.69 5.21 -18.53
N PHE B 92 -0.70 4.82 -19.32
CA PHE B 92 0.64 5.38 -19.21
C PHE B 92 0.68 6.33 -20.39
N PHE B 93 1.34 7.49 -20.24
CA PHE B 93 1.36 8.44 -21.34
C PHE B 93 2.53 9.41 -21.35
N LEU B 94 2.70 10.05 -22.51
CA LEU B 94 3.73 11.04 -22.75
C LEU B 94 3.01 12.27 -23.28
N ALA B 95 3.38 13.45 -22.80
CA ALA B 95 2.74 14.71 -23.24
C ALA B 95 3.67 15.89 -22.94
N PRO B 96 3.40 17.07 -23.55
CA PRO B 96 4.22 18.26 -23.31
C PRO B 96 4.31 18.48 -21.81
N PRO B 97 5.45 19.01 -21.31
CA PRO B 97 5.66 19.26 -19.88
C PRO B 97 4.58 20.08 -19.16
N ASP B 98 3.87 20.93 -19.89
CA ASP B 98 2.83 21.74 -19.27
C ASP B 98 1.43 21.16 -19.45
N SER B 99 1.34 19.90 -19.85
CA SER B 99 0.02 19.29 -20.03
C SER B 99 -0.61 18.99 -18.67
N ASP B 100 -1.86 19.39 -18.49
CA ASP B 100 -2.56 19.14 -17.23
C ASP B 100 -3.70 18.13 -17.43
N VAL B 101 -4.25 17.62 -16.33
CA VAL B 101 -5.34 16.65 -16.41
C VAL B 101 -6.50 17.15 -17.27
N LYS B 102 -7.08 16.26 -18.07
CA LYS B 102 -8.21 16.64 -18.94
C LYS B 102 -9.50 16.07 -18.39
N ASP B 103 -10.40 15.68 -19.29
CA ASP B 103 -11.69 15.15 -18.90
C ASP B 103 -11.68 13.76 -18.26
N ALA B 104 -12.67 13.53 -17.41
CA ALA B 104 -12.78 12.27 -16.71
C ALA B 104 -13.54 11.26 -17.57
N GLY B 105 -14.10 10.22 -16.94
CA GLY B 105 -14.84 9.23 -17.68
C GLY B 105 -13.97 8.52 -18.71
N GLU B 106 -14.55 8.23 -19.87
CA GLU B 106 -13.87 7.53 -20.96
C GLU B 106 -12.61 8.21 -21.51
N TYR B 107 -12.40 9.46 -21.15
CA TYR B 107 -11.23 10.16 -21.66
C TYR B 107 -9.97 9.88 -20.84
N LEU B 108 -10.12 9.12 -19.75
CA LEU B 108 -8.99 8.73 -18.90
C LEU B 108 -8.11 9.89 -18.42
N GLY B 109 -8.65 11.10 -18.43
CA GLY B 109 -7.89 12.25 -17.99
C GLY B 109 -6.87 12.67 -19.05
N LEU B 110 -6.93 12.08 -20.22
CA LEU B 110 -5.98 12.41 -21.29
C LEU B 110 -6.49 13.39 -22.36
N PHE B 111 -7.77 13.32 -22.69
CA PHE B 111 -8.33 14.20 -23.71
C PHE B 111 -9.58 14.95 -23.24
N ASN B 112 -10.01 15.91 -24.05
CA ASN B 112 -11.21 16.68 -23.76
C ASN B 112 -12.35 16.06 -24.59
N LYS B 113 -13.57 16.22 -24.10
CA LYS B 113 -14.75 15.70 -24.76
C LYS B 113 -14.84 16.18 -26.21
N SER B 114 -14.52 17.46 -26.42
CA SER B 114 -14.63 18.04 -27.74
C SER B 114 -13.57 17.70 -28.77
N THR B 115 -12.38 17.30 -28.33
CA THR B 115 -11.32 17.00 -29.27
C THR B 115 -10.67 15.63 -29.12
N ALA B 116 -11.23 14.81 -28.23
CA ALA B 116 -10.73 13.46 -27.97
C ALA B 116 -10.57 12.62 -29.23
N THR B 117 -11.43 12.88 -30.23
CA THR B 117 -11.39 12.13 -31.48
C THR B 117 -10.74 12.90 -32.64
N GLN B 118 -10.01 13.95 -32.30
CA GLN B 118 -9.32 14.79 -33.29
C GLN B 118 -7.82 14.85 -33.02
N PRO B 119 -7.07 13.88 -33.57
CA PRO B 119 -5.61 13.80 -33.39
C PRO B 119 -4.86 15.11 -33.56
N SER B 120 -5.21 15.85 -34.60
CA SER B 120 -4.56 17.12 -34.91
C SER B 120 -4.72 18.17 -33.81
N LYS B 121 -5.66 17.94 -32.91
CA LYS B 121 -5.89 18.87 -31.80
C LYS B 121 -5.32 18.37 -30.47
N ASN B 122 -4.50 17.31 -30.52
CA ASN B 122 -3.92 16.76 -29.30
C ASN B 122 -2.41 16.52 -29.34
N GLN B 123 -1.84 16.37 -28.16
CA GLN B 123 -0.42 16.11 -28.03
C GLN B 123 -0.24 15.07 -26.93
N VAL B 124 -0.58 13.83 -27.24
CA VAL B 124 -0.42 12.79 -26.24
C VAL B 124 -0.37 11.39 -26.85
N VAL B 125 0.58 10.60 -26.37
CA VAL B 125 0.72 9.23 -26.82
C VAL B 125 0.54 8.39 -25.55
N ALA B 126 -0.27 7.35 -25.63
CA ALA B 126 -0.50 6.54 -24.44
C ALA B 126 -0.86 5.09 -24.71
N VAL B 127 -0.68 4.28 -23.66
CA VAL B 127 -1.04 2.89 -23.69
C VAL B 127 -2.15 2.86 -22.66
N GLU B 128 -3.35 2.49 -23.07
CA GLU B 128 -4.49 2.45 -22.16
C GLU B 128 -4.87 1.04 -21.74
N PHE B 129 -5.47 0.94 -20.56
CA PHE B 129 -5.95 -0.32 -20.02
C PHE B 129 -7.37 0.05 -19.71
N ASP B 130 -8.20 -0.17 -20.73
CA ASP B 130 -9.61 0.17 -20.74
C ASP B 130 -10.54 -0.91 -20.22
N THR B 131 -11.15 -0.66 -19.06
CA THR B 131 -12.06 -1.63 -18.46
C THR B 131 -13.51 -1.39 -18.82
N TRP B 132 -13.79 -0.49 -19.74
CA TRP B 132 -15.18 -0.21 -20.10
C TRP B 132 -15.36 0.19 -21.55
N THR B 133 -16.18 -0.55 -22.27
CA THR B 133 -16.46 -0.28 -23.68
C THR B 133 -17.44 0.87 -23.82
N ASN B 134 -17.03 1.90 -24.54
CA ASN B 134 -17.86 3.08 -24.75
C ASN B 134 -18.50 3.12 -26.14
N PRO B 135 -19.78 3.49 -26.21
CA PRO B 135 -20.50 3.57 -27.48
C PRO B 135 -20.34 4.93 -28.18
N ASN B 136 -19.87 5.92 -27.42
CA ASN B 136 -19.67 7.30 -27.92
C ASN B 136 -18.71 7.38 -29.11
N PHE B 137 -17.75 6.46 -29.16
CA PHE B 137 -16.77 6.42 -30.25
C PHE B 137 -16.39 4.98 -30.50
N PRO B 138 -15.76 4.70 -31.64
CA PRO B 138 -15.37 3.33 -31.96
C PRO B 138 -14.32 2.72 -31.05
N GLU B 139 -14.59 1.51 -30.57
CA GLU B 139 -13.67 0.77 -29.73
C GLU B 139 -14.19 -0.64 -29.44
N PRO B 140 -13.29 -1.58 -29.11
CA PRO B 140 -13.70 -2.96 -28.83
C PRO B 140 -14.90 -3.09 -27.90
N SER B 141 -15.78 -4.05 -28.20
CA SER B 141 -16.96 -4.25 -27.36
C SER B 141 -16.60 -5.00 -26.07
N TYR B 142 -15.32 -5.30 -25.90
CA TYR B 142 -14.85 -6.00 -24.71
C TYR B 142 -13.73 -5.20 -24.03
N ARG B 143 -13.44 -5.52 -22.77
CA ARG B 143 -12.37 -4.83 -22.02
C ARG B 143 -11.13 -4.99 -22.87
N HIS B 144 -10.25 -4.00 -22.85
CA HIS B 144 -9.09 -4.08 -23.71
C HIS B 144 -7.91 -3.17 -23.35
N ILE B 145 -6.78 -3.48 -23.96
CA ILE B 145 -5.54 -2.73 -23.82
C ILE B 145 -5.34 -2.11 -25.19
N GLY B 146 -4.79 -0.90 -25.23
CA GLY B 146 -4.59 -0.26 -26.52
C GLY B 146 -3.52 0.83 -26.54
N ILE B 147 -3.10 1.17 -27.76
CA ILE B 147 -2.10 2.19 -28.02
C ILE B 147 -2.90 3.36 -28.64
N ASN B 148 -2.78 4.53 -28.02
CA ASN B 148 -3.46 5.73 -28.45
C ASN B 148 -2.49 6.79 -28.93
N VAL B 149 -2.71 7.24 -30.15
CA VAL B 149 -1.88 8.25 -30.74
C VAL B 149 -2.75 9.47 -30.98
N ASN B 150 -2.66 10.42 -30.05
CA ASN B 150 -3.41 11.67 -30.12
C ASN B 150 -4.92 11.51 -30.27
N SER B 151 -5.42 10.36 -29.86
CA SER B 151 -6.85 10.10 -29.94
C SER B 151 -7.29 9.02 -28.94
N ILE B 152 -8.52 9.16 -28.44
CA ILE B 152 -9.09 8.19 -27.49
C ILE B 152 -9.47 6.92 -28.25
N VAL B 153 -9.39 7.00 -29.58
CA VAL B 153 -9.69 5.83 -30.41
C VAL B 153 -8.34 5.17 -30.72
N SER B 154 -8.10 4.02 -30.10
CA SER B 154 -6.85 3.30 -30.26
C SER B 154 -6.52 2.94 -31.71
N VAL B 155 -5.23 2.95 -32.05
CA VAL B 155 -4.82 2.57 -33.40
C VAL B 155 -4.70 1.06 -33.44
N ALA B 156 -4.53 0.44 -32.28
CA ALA B 156 -4.42 -1.01 -32.18
C ALA B 156 -4.84 -1.40 -30.76
N THR B 157 -5.50 -2.56 -30.64
CA THR B 157 -5.97 -3.02 -29.35
C THR B 157 -5.77 -4.51 -29.20
N LYS B 158 -5.93 -4.96 -27.96
CA LYS B 158 -5.80 -6.36 -27.59
C LYS B 158 -6.83 -6.60 -26.50
N ARG B 159 -7.56 -7.71 -26.65
CA ARG B 159 -8.57 -8.08 -25.69
C ARG B 159 -7.97 -8.33 -24.32
N TRP B 160 -8.63 -7.81 -23.29
CA TRP B 160 -8.17 -7.96 -21.92
C TRP B 160 -9.21 -8.83 -21.20
N GLU B 161 -8.85 -10.09 -20.93
CA GLU B 161 -9.74 -11.05 -20.27
C GLU B 161 -10.29 -10.62 -18.92
N ASP B 162 -11.57 -10.86 -18.69
CA ASP B 162 -12.17 -10.48 -17.42
C ASP B 162 -11.63 -11.30 -16.27
N SER B 163 -11.21 -12.54 -16.55
CA SER B 163 -10.67 -13.39 -15.51
C SER B 163 -9.43 -12.75 -14.89
N ASP B 164 -8.71 -11.97 -15.67
CA ASP B 164 -7.52 -11.27 -15.19
C ASP B 164 -7.91 -9.94 -14.55
N ILE B 165 -8.81 -9.21 -15.22
CA ILE B 165 -9.27 -7.92 -14.70
C ILE B 165 -9.90 -8.05 -13.32
N PHE B 166 -10.77 -9.04 -13.14
CA PHE B 166 -11.42 -9.25 -11.85
C PHE B 166 -10.67 -10.26 -10.98
N SER B 167 -9.43 -10.57 -11.37
CA SER B 167 -8.61 -11.54 -10.64
C SER B 167 -8.26 -11.12 -9.21
N GLY B 168 -8.27 -9.82 -8.94
CA GLY B 168 -7.90 -9.36 -7.62
C GLY B 168 -6.41 -9.57 -7.40
N LYS B 169 -5.63 -9.60 -8.47
CA LYS B 169 -4.19 -9.80 -8.34
C LYS B 169 -3.41 -8.58 -8.81
N ILE B 170 -2.15 -8.49 -8.41
CA ILE B 170 -1.31 -7.38 -8.82
C ILE B 170 -0.84 -7.62 -10.25
N ALA B 171 -1.05 -6.64 -11.12
CA ALA B 171 -0.63 -6.77 -12.51
C ALA B 171 0.65 -5.98 -12.74
N THR B 172 1.44 -6.43 -13.71
CA THR B 172 2.69 -5.75 -14.05
C THR B 172 2.64 -5.29 -15.50
N ALA B 173 2.74 -3.98 -15.70
CA ALA B 173 2.71 -3.42 -17.04
C ALA B 173 4.13 -3.01 -17.46
N ARG B 174 4.50 -3.31 -18.69
CA ARG B 174 5.83 -2.98 -19.22
C ARG B 174 5.62 -2.34 -20.58
N ILE B 175 6.25 -1.20 -20.80
CA ILE B 175 6.10 -0.48 -22.06
C ILE B 175 7.46 -0.05 -22.57
N SER B 176 7.75 -0.40 -23.81
CA SER B 176 9.04 -0.04 -24.38
C SER B 176 8.87 0.68 -25.70
N TYR B 177 9.88 1.44 -26.06
CA TYR B 177 9.86 2.16 -27.32
C TYR B 177 11.26 2.23 -27.92
N ASP B 178 11.39 1.72 -29.13
CA ASP B 178 12.67 1.73 -29.82
C ASP B 178 12.64 2.93 -30.76
N GLY B 179 13.44 3.94 -30.42
CA GLY B 179 13.51 5.16 -31.22
C GLY B 179 14.00 4.96 -32.65
N SER B 180 14.84 3.97 -32.87
CA SER B 180 15.35 3.70 -34.22
C SER B 180 14.28 3.00 -35.06
N ALA B 181 13.66 1.97 -34.50
CA ALA B 181 12.64 1.22 -35.22
C ALA B 181 11.27 1.92 -35.21
N GLU B 182 11.06 2.83 -34.27
CA GLU B 182 9.82 3.59 -34.13
C GLU B 182 8.68 2.62 -33.79
N ILE B 183 8.96 1.76 -32.81
CA ILE B 183 8.00 0.77 -32.38
C ILE B 183 7.71 0.87 -30.89
N LEU B 184 6.42 0.87 -30.56
CA LEU B 184 5.95 0.93 -29.17
C LEU B 184 5.43 -0.47 -28.85
N THR B 185 5.83 -1.00 -27.71
CA THR B 185 5.39 -2.33 -27.31
C THR B 185 4.89 -2.28 -25.87
N VAL B 186 3.82 -3.04 -25.60
CA VAL B 186 3.30 -3.12 -24.25
C VAL B 186 3.10 -4.58 -23.88
N VAL B 187 3.47 -4.91 -22.65
CA VAL B 187 3.29 -6.27 -22.16
C VAL B 187 2.61 -6.17 -20.79
N LEU B 188 1.47 -6.83 -20.63
CA LEU B 188 0.74 -6.83 -19.37
C LEU B 188 0.86 -8.23 -18.80
N SER B 189 1.36 -8.35 -17.58
CA SER B 189 1.53 -9.66 -16.98
C SER B 189 0.84 -9.90 -15.65
N TYR B 190 0.28 -11.10 -15.48
CA TYR B 190 -0.39 -11.45 -14.23
C TYR B 190 0.32 -12.64 -13.60
N PRO B 191 0.48 -12.61 -12.26
CA PRO B 191 1.16 -13.68 -11.51
C PRO B 191 0.62 -15.09 -11.80
N ASP B 192 -0.59 -15.17 -12.34
CA ASP B 192 -1.18 -16.46 -12.67
C ASP B 192 -0.36 -17.14 -13.76
N GLY B 193 -0.56 -16.71 -15.00
CA GLY B 193 0.17 -17.29 -16.11
C GLY B 193 -0.33 -16.75 -17.42
N SER B 194 -0.67 -15.46 -17.43
CA SER B 194 -1.19 -14.80 -18.61
C SER B 194 -0.44 -13.51 -18.93
N ASP B 195 0.01 -13.40 -20.17
CA ASP B 195 0.75 -12.23 -20.63
C ASP B 195 0.09 -11.69 -21.89
N TYR B 196 -0.10 -10.39 -21.94
CA TYR B 196 -0.70 -9.76 -23.13
C TYR B 196 0.41 -9.02 -23.85
N ILE B 197 0.47 -9.14 -25.17
CA ILE B 197 1.52 -8.46 -25.93
C ILE B 197 0.91 -7.60 -27.04
N LEU B 198 1.23 -6.31 -27.07
CA LEU B 198 0.70 -5.44 -28.13
C LEU B 198 1.79 -4.48 -28.62
N SER B 199 2.09 -4.54 -29.92
CA SER B 199 3.11 -3.68 -30.51
C SER B 199 2.54 -2.96 -31.72
N HIS B 200 3.03 -1.77 -31.98
CA HIS B 200 2.56 -0.97 -33.11
C HIS B 200 3.57 0.10 -33.46
N SER B 201 3.75 0.35 -34.75
CA SER B 201 4.69 1.37 -35.18
C SER B 201 4.13 2.76 -34.89
N VAL B 202 4.94 3.59 -34.26
CA VAL B 202 4.51 4.95 -33.97
C VAL B 202 5.74 5.87 -33.96
N ASP B 203 5.64 6.98 -34.67
CA ASP B 203 6.73 7.95 -34.73
C ASP B 203 6.39 9.13 -33.83
N MET B 204 7.12 9.22 -32.73
CA MET B 204 6.94 10.27 -31.75
C MET B 204 7.16 11.67 -32.32
N ARG B 205 8.10 11.78 -33.26
CA ARG B 205 8.46 13.05 -33.89
C ARG B 205 7.29 13.77 -34.54
N GLN B 206 6.33 13.02 -35.04
CA GLN B 206 5.19 13.65 -35.67
C GLN B 206 3.97 13.67 -34.76
N ASN B 207 4.14 13.34 -33.49
CA ASN B 207 3.00 13.33 -32.57
C ASN B 207 3.20 14.08 -31.27
N LEU B 208 4.46 14.35 -30.95
CA LEU B 208 4.83 15.02 -29.71
C LEU B 208 6.03 15.96 -29.88
N PRO B 209 6.16 16.96 -29.00
CA PRO B 209 7.28 17.90 -29.06
C PRO B 209 8.58 17.23 -28.63
N GLU B 210 9.71 17.87 -28.91
CA GLU B 210 11.03 17.33 -28.58
C GLU B 210 11.18 16.99 -27.11
N SER B 211 10.55 17.78 -26.25
CA SER B 211 10.64 17.51 -24.83
C SER B 211 9.24 17.19 -24.28
N VAL B 212 9.16 16.18 -23.43
CA VAL B 212 7.87 15.77 -22.89
C VAL B 212 8.00 15.27 -21.45
N ARG B 213 6.88 14.88 -20.87
CA ARG B 213 6.86 14.32 -19.53
C ARG B 213 6.12 13.02 -19.63
N VAL B 214 6.46 12.08 -18.76
CA VAL B 214 5.78 10.78 -18.77
C VAL B 214 4.97 10.69 -17.49
N GLY B 215 3.85 9.97 -17.56
CA GLY B 215 3.02 9.83 -16.39
C GLY B 215 2.00 8.71 -16.48
N ILE B 216 1.18 8.59 -15.45
CA ILE B 216 0.14 7.59 -15.40
C ILE B 216 -1.14 8.33 -15.06
N SER B 217 -2.20 7.94 -15.72
CA SER B 217 -3.49 8.60 -15.56
C SER B 217 -4.59 7.59 -15.25
N ALA B 218 -5.68 8.06 -14.68
CA ALA B 218 -6.82 7.20 -14.36
C ALA B 218 -8.04 8.10 -14.17
N SER B 219 -9.21 7.55 -14.44
CA SER B 219 -10.46 8.29 -14.29
C SER B 219 -11.66 7.37 -14.08
N THR B 220 -12.78 7.96 -13.68
CA THR B 220 -14.00 7.23 -13.43
C THR B 220 -15.17 8.02 -14.00
N GLY B 221 -16.30 7.34 -14.17
CA GLY B 221 -17.51 7.96 -14.69
C GLY B 221 -18.63 7.84 -13.65
N ASN B 222 -19.78 7.31 -14.06
CA ASN B 222 -20.93 7.16 -13.16
C ASN B 222 -20.79 6.02 -12.13
N ASN B 223 -20.27 4.89 -12.57
CA ASN B 223 -20.09 3.75 -11.66
C ASN B 223 -19.08 4.07 -10.58
N GLN B 224 -19.15 3.30 -9.51
CA GLN B 224 -18.27 3.46 -8.38
C GLN B 224 -17.75 2.08 -7.96
N PHE B 225 -17.42 1.24 -8.95
CA PHE B 225 -16.92 -0.11 -8.70
C PHE B 225 -15.42 -0.25 -8.90
N LEU B 226 -14.68 0.89 -9.13
CA LEU B 226 -13.26 0.67 -9.42
C LEU B 226 -12.41 1.79 -8.82
N THR B 227 -11.24 1.34 -8.30
CA THR B 227 -10.25 2.27 -7.77
C THR B 227 -8.90 1.74 -8.20
N VAL B 228 -8.16 2.54 -8.97
CA VAL B 228 -6.84 2.14 -9.45
C VAL B 228 -5.72 2.53 -8.50
N TYR B 229 -4.83 1.59 -8.23
CA TYR B 229 -3.67 1.84 -7.37
C TYR B 229 -2.39 1.40 -8.08
N ILE B 230 -1.36 2.26 -8.03
CA ILE B 230 -0.06 1.96 -8.63
C ILE B 230 0.89 1.69 -7.45
N LEU B 231 1.46 0.48 -7.41
CA LEU B 231 2.34 0.07 -6.33
C LEU B 231 3.83 0.39 -6.53
N SER B 232 4.28 0.38 -7.77
CA SER B 232 5.67 0.66 -8.09
C SER B 232 5.79 1.22 -9.50
N TRP B 233 6.92 1.86 -9.77
CA TRP B 233 7.11 2.48 -11.07
C TRP B 233 8.55 2.90 -11.30
N ARG B 234 9.10 2.51 -12.45
CA ARG B 234 10.44 2.90 -12.81
C ARG B 234 10.47 3.24 -14.30
N PHE B 235 11.44 4.03 -14.70
CA PHE B 235 11.52 4.46 -16.09
C PHE B 235 12.95 4.82 -16.43
N SER B 236 13.30 4.65 -17.71
CA SER B 236 14.63 5.02 -18.15
C SER B 236 14.49 5.40 -19.62
N SER B 237 15.29 6.37 -20.05
CA SER B 237 15.23 6.83 -21.42
C SER B 237 16.63 7.20 -21.90
N ASN B 238 16.88 7.02 -23.20
CA ASN B 238 18.19 7.32 -23.78
C ASN B 238 18.04 7.86 -25.20
N LEU B 239 18.64 9.03 -25.43
CA LEU B 239 18.62 9.68 -26.73
C LEU B 239 19.50 8.93 -27.73
#